data_5HRA
#
_entry.id   5HRA
#
_cell.length_a   46.938
_cell.length_b   48.248
_cell.length_c   116.289
_cell.angle_alpha   90.00
_cell.angle_beta   92.92
_cell.angle_gamma   90.00
#
_symmetry.space_group_name_H-M   'P 1 21 1'
#
loop_
_entity.id
_entity.type
_entity.pdbx_description
1 polymer 'aspartate/glutamate racemase'
2 non-polymer 'D-ASPARTIC ACID'
3 water water
#
_entity_poly.entity_id   1
_entity_poly.type   'polypeptide(L)'
_entity_poly.pdbx_seq_one_letter_code
;MKTIGLLGGMSWESTIPYYRLINEGIKQRLGGLHSAQVLLHSVDFHEIEECQRRGEWDKTGDILAEAALGLQRAGAEGIV
LCTNTMHKVADAIESRCTLPFLHIADATGRAITGAGMTRVALLGTRYTMEQDFYRGRLTEQFSINCLIPEADERAKINQI
IFEELCLGQFTEASRAYYAQVIARLAEQGAQGVIFGCTEIGLLVPEERSVLPVFDTAAIHAEDAVAFMLSLEHHH
;
_entity_poly.pdbx_strand_id   A,B
#
# COMPACT_ATOMS: atom_id res chain seq x y z
N MET A 1 7.42 -14.00 -12.57
CA MET A 1 6.14 -13.31 -12.61
C MET A 1 6.29 -11.99 -13.34
N LYS A 2 5.19 -11.50 -13.89
CA LYS A 2 5.18 -10.18 -14.49
C LYS A 2 4.98 -9.12 -13.43
N THR A 3 5.65 -7.98 -13.61
CA THR A 3 5.52 -6.84 -12.71
C THR A 3 4.27 -6.05 -13.08
N ILE A 4 3.35 -5.90 -12.12
CA ILE A 4 2.09 -5.16 -12.35
C ILE A 4 2.29 -3.69 -11.98
N GLY A 5 1.74 -2.81 -12.81
CA GLY A 5 1.75 -1.38 -12.56
C GLY A 5 0.38 -0.92 -12.08
N LEU A 6 0.35 -0.36 -10.88
CA LEU A 6 -0.89 0.11 -10.28
C LEU A 6 -0.98 1.63 -10.36
N LEU A 7 -2.14 2.13 -10.81
CA LEU A 7 -2.47 3.55 -10.79
C LEU A 7 -3.42 3.73 -9.62
N GLY A 8 -2.94 4.32 -8.54
CA GLY A 8 -3.71 4.32 -7.32
C GLY A 8 -3.80 5.68 -6.67
N GLY A 9 -4.14 5.69 -5.39
CA GLY A 9 -4.46 6.89 -4.64
C GLY A 9 -5.71 7.59 -5.09
N MET A 10 -6.68 6.84 -5.59
CA MET A 10 -7.97 7.41 -5.98
C MET A 10 -9.14 6.65 -5.38
N SER A 11 -9.30 6.60 -4.05
CA SER A 11 -8.42 7.19 -3.05
C SER A 11 -7.38 6.18 -2.53
N TRP A 12 -6.40 6.69 -1.77
CA TRP A 12 -5.37 5.82 -1.23
C TRP A 12 -5.95 4.77 -0.30
N GLU A 13 -7.13 5.04 0.26
CA GLU A 13 -7.79 4.09 1.15
C GLU A 13 -8.12 2.80 0.42
N SER A 14 -8.47 2.90 -0.87
CA SER A 14 -8.79 1.70 -1.64
C SER A 14 -7.58 1.14 -2.37
N THR A 15 -6.47 1.88 -2.45
CA THR A 15 -5.26 1.31 -3.03
C THR A 15 -4.63 0.27 -2.10
N ILE A 16 -4.79 0.44 -0.78
CA ILE A 16 -4.26 -0.55 0.17
C ILE A 16 -4.83 -1.95 -0.07
N PRO A 17 -6.15 -2.14 -0.18
CA PRO A 17 -6.65 -3.49 -0.47
C PRO A 17 -6.08 -4.12 -1.74
N TYR A 18 -5.90 -3.34 -2.81
CA TYR A 18 -5.22 -3.87 -4.00
C TYR A 18 -3.86 -4.43 -3.66
N TYR A 19 -3.03 -3.63 -2.98
CA TYR A 19 -1.69 -4.07 -2.61
C TYR A 19 -1.73 -5.28 -1.72
N ARG A 20 -2.59 -5.28 -0.69
CA ARG A 20 -2.71 -6.44 0.19
C ARG A 20 -3.10 -7.69 -0.59
N LEU A 21 -4.13 -7.59 -1.43
CA LEU A 21 -4.68 -8.77 -2.05
C LEU A 21 -3.75 -9.32 -3.15
N ILE A 22 -3.06 -8.43 -3.88
CA ILE A 22 -2.09 -8.88 -4.88
C ILE A 22 -0.91 -9.57 -4.22
N ASN A 23 -0.44 -9.05 -3.08
CA ASN A 23 0.59 -9.77 -2.33
C ASN A 23 0.07 -11.08 -1.76
N GLU A 24 -1.14 -11.09 -1.20
CA GLU A 24 -1.67 -12.35 -0.68
C GLU A 24 -1.86 -13.39 -1.79
N GLY A 25 -2.23 -12.94 -2.99
CA GLY A 25 -2.43 -13.89 -4.09
C GLY A 25 -1.13 -14.52 -4.56
N ILE A 26 -0.07 -13.71 -4.66
CA ILE A 26 1.24 -14.25 -5.02
C ILE A 26 1.74 -15.20 -3.95
N LYS A 27 1.59 -14.82 -2.67
CA LYS A 27 2.00 -15.71 -1.57
C LYS A 27 1.27 -17.04 -1.63
N GLN A 28 -0.03 -17.00 -1.92
CA GLN A 28 -0.84 -18.22 -1.98
C GLN A 28 -0.35 -19.17 -3.07
N ARG A 29 0.07 -18.63 -4.22
CA ARG A 29 0.41 -19.45 -5.37
C ARG A 29 1.88 -19.87 -5.41
N LEU A 30 2.79 -18.99 -4.97
CA LEU A 30 4.21 -19.30 -5.00
C LEU A 30 4.76 -19.77 -3.66
N GLY A 31 4.12 -19.40 -2.56
CA GLY A 31 4.46 -19.93 -1.26
C GLY A 31 5.64 -19.23 -0.61
N GLY A 32 5.95 -19.70 0.60
CA GLY A 32 7.09 -19.19 1.34
C GLY A 32 6.98 -17.70 1.56
N LEU A 33 8.11 -17.01 1.40
CA LEU A 33 8.15 -15.56 1.56
C LEU A 33 7.96 -14.81 0.24
N HIS A 34 7.49 -15.47 -0.82
CA HIS A 34 7.30 -14.79 -2.09
C HIS A 34 6.25 -13.70 -1.95
N SER A 35 6.53 -12.56 -2.56
CA SER A 35 5.59 -11.46 -2.58
C SER A 35 5.53 -10.88 -3.99
N ALA A 36 4.57 -9.99 -4.19
CA ALA A 36 4.26 -9.51 -5.54
C ALA A 36 5.27 -8.47 -6.03
N GLN A 37 5.67 -8.59 -7.29
CA GLN A 37 6.40 -7.51 -7.95
C GLN A 37 5.38 -6.43 -8.34
N VAL A 38 5.40 -5.30 -7.64
CA VAL A 38 4.45 -4.21 -7.85
C VAL A 38 5.21 -2.92 -8.09
N LEU A 39 4.81 -2.18 -9.13
CA LEU A 39 5.08 -0.76 -9.22
C LEU A 39 3.77 0.00 -9.02
N LEU A 40 3.76 0.98 -8.14
CA LEU A 40 2.59 1.80 -7.87
C LEU A 40 2.93 3.27 -8.06
N HIS A 41 2.11 3.95 -8.83
CA HIS A 41 2.10 5.41 -8.91
C HIS A 41 0.84 5.85 -8.22
N SER A 42 0.99 6.51 -7.07
CA SER A 42 -0.15 7.04 -6.33
C SER A 42 -0.19 8.55 -6.59
N VAL A 43 -1.32 9.05 -7.10
CA VAL A 43 -1.54 10.47 -7.37
C VAL A 43 -2.01 11.17 -6.11
N ASP A 44 -1.95 12.51 -6.13
CA ASP A 44 -2.72 13.35 -5.23
C ASP A 44 -4.17 13.37 -5.71
N PHE A 45 -5.04 12.70 -4.97
CA PHE A 45 -6.44 12.56 -5.38
C PHE A 45 -7.11 13.91 -5.55
N HIS A 46 -6.69 14.93 -4.78
CA HIS A 46 -7.37 16.22 -4.91
C HIS A 46 -7.42 16.68 -6.37
N GLU A 47 -6.31 16.57 -7.08
CA GLU A 47 -6.32 17.02 -8.46
C GLU A 47 -7.33 16.23 -9.28
N ILE A 48 -7.35 14.91 -9.09
CA ILE A 48 -8.27 14.04 -9.83
C ILE A 48 -9.72 14.40 -9.52
N GLU A 49 -10.06 14.47 -8.23
CA GLU A 49 -11.46 14.63 -7.86
C GLU A 49 -11.96 16.01 -8.19
N GLU A 50 -11.10 17.03 -8.08
CA GLU A 50 -11.51 18.37 -8.48
C GLU A 50 -11.83 18.42 -9.97
N CYS A 51 -11.02 17.74 -10.79
CA CYS A 51 -11.27 17.67 -12.23
C CYS A 51 -12.59 16.95 -12.52
N GLN A 52 -12.89 15.89 -11.76
CA GLN A 52 -14.19 15.23 -11.90
C GLN A 52 -15.31 16.26 -11.80
N ARG A 53 -15.30 17.04 -10.71
CA ARG A 53 -16.39 17.96 -10.43
C ARG A 53 -16.46 19.08 -11.46
N ARG A 54 -15.35 19.42 -12.09
CA ARG A 54 -15.34 20.45 -13.13
C ARG A 54 -15.50 19.88 -14.53
N GLY A 55 -15.61 18.55 -14.66
CA GLY A 55 -15.72 17.93 -15.97
C GLY A 55 -14.46 17.97 -16.81
N GLU A 56 -13.29 18.13 -16.18
CA GLU A 56 -12.03 18.22 -16.90
C GLU A 56 -11.45 16.83 -17.12
N TRP A 57 -12.21 16.01 -17.85
CA TRP A 57 -11.85 14.61 -17.98
C TRP A 57 -10.59 14.42 -18.81
N ASP A 58 -10.37 15.26 -19.83
CA ASP A 58 -9.18 15.11 -20.64
C ASP A 58 -7.92 15.32 -19.82
N LYS A 59 -7.94 16.29 -18.91
CA LYS A 59 -6.79 16.51 -18.05
C LYS A 59 -6.48 15.28 -17.21
N THR A 60 -7.51 14.61 -16.67
CA THR A 60 -7.23 13.41 -15.90
C THR A 60 -6.68 12.29 -16.80
N GLY A 61 -7.17 12.21 -18.04
CA GLY A 61 -6.59 11.25 -18.97
C GLY A 61 -5.11 11.50 -19.18
N ASP A 62 -4.72 12.78 -19.30
CA ASP A 62 -3.32 13.13 -19.44
C ASP A 62 -2.51 12.72 -18.22
N ILE A 63 -3.03 13.01 -17.02
CA ILE A 63 -2.36 12.65 -15.78
C ILE A 63 -2.15 11.13 -15.71
N LEU A 64 -3.20 10.36 -15.99
CA LEU A 64 -3.12 8.92 -15.81
C LEU A 64 -2.31 8.23 -16.90
N ALA A 65 -2.38 8.72 -18.15
CA ALA A 65 -1.57 8.12 -19.20
C ALA A 65 -0.09 8.37 -18.98
N GLU A 66 0.27 9.60 -18.58
CA GLU A 66 1.65 9.90 -18.21
C GLU A 66 2.12 9.03 -17.05
N ALA A 67 1.27 8.82 -16.06
CA ALA A 67 1.64 7.94 -14.96
C ALA A 67 1.89 6.51 -15.42
N ALA A 68 1.01 5.97 -16.27
CA ALA A 68 1.22 4.62 -16.77
C ALA A 68 2.51 4.53 -17.58
N LEU A 69 2.78 5.54 -18.41
CA LEU A 69 4.02 5.55 -19.18
C LEU A 69 5.24 5.58 -18.27
N GLY A 70 5.16 6.33 -17.17
CA GLY A 70 6.24 6.32 -16.19
C GLY A 70 6.47 4.95 -15.59
N LEU A 71 5.39 4.25 -15.20
CA LEU A 71 5.53 2.90 -14.68
C LEU A 71 6.08 1.95 -15.74
N GLN A 72 5.69 2.13 -17.00
CA GLN A 72 6.30 1.35 -18.07
C GLN A 72 7.80 1.56 -18.14
N ARG A 73 8.26 2.82 -17.96
CA ARG A 73 9.70 3.07 -17.97
C ARG A 73 10.39 2.40 -16.78
N ALA A 74 9.67 2.18 -15.68
CA ALA A 74 10.24 1.52 -14.52
C ALA A 74 10.17 -0.01 -14.60
N GLY A 75 9.45 -0.57 -15.56
CA GLY A 75 9.45 -2.01 -15.75
C GLY A 75 8.09 -2.66 -15.63
N ALA A 76 7.03 -1.86 -15.53
CA ALA A 76 5.70 -2.43 -15.49
C ALA A 76 5.42 -3.17 -16.79
N GLU A 77 4.72 -4.30 -16.67
CA GLU A 77 4.32 -5.13 -17.80
C GLU A 77 2.81 -5.19 -18.02
N GLY A 78 2.02 -4.57 -17.14
CA GLY A 78 0.60 -4.40 -17.35
C GLY A 78 0.14 -3.30 -16.43
N ILE A 79 -1.05 -2.76 -16.71
CA ILE A 79 -1.59 -1.60 -15.99
C ILE A 79 -2.91 -1.98 -15.33
N VAL A 80 -3.03 -1.70 -14.04
CA VAL A 80 -4.28 -1.76 -13.28
C VAL A 80 -4.59 -0.34 -12.82
N LEU A 81 -5.74 0.17 -13.19
CA LEU A 81 -6.23 1.46 -12.73
C LEU A 81 -7.16 1.25 -11.52
N CYS A 82 -6.76 1.74 -10.34
CA CYS A 82 -7.43 1.36 -9.08
C CYS A 82 -8.63 2.25 -8.76
N THR A 83 -9.55 2.35 -9.70
CA THR A 83 -10.74 3.20 -9.54
C THR A 83 -11.71 2.89 -10.67
N ASN A 84 -12.98 2.67 -10.34
CA ASN A 84 -13.98 2.47 -11.38
C ASN A 84 -14.24 3.76 -12.17
N THR A 85 -14.43 4.89 -11.48
CA THR A 85 -14.82 6.14 -12.14
C THR A 85 -13.81 6.52 -13.23
N MET A 86 -12.52 6.38 -12.94
CA MET A 86 -11.53 6.87 -13.88
C MET A 86 -11.37 5.95 -15.08
N HIS A 87 -12.09 4.82 -15.14
CA HIS A 87 -12.14 4.11 -16.41
C HIS A 87 -12.91 4.88 -17.46
N LYS A 88 -13.53 6.01 -17.09
CA LYS A 88 -14.08 6.91 -18.09
C LYS A 88 -12.99 7.35 -19.06
N VAL A 89 -11.75 7.46 -18.59
CA VAL A 89 -10.66 7.93 -19.43
C VAL A 89 -9.65 6.82 -19.68
N ALA A 90 -10.12 5.55 -19.64
CA ALA A 90 -9.27 4.41 -19.93
C ALA A 90 -8.65 4.49 -21.32
N ASP A 91 -9.40 5.01 -22.30
CA ASP A 91 -8.91 5.00 -23.67
C ASP A 91 -7.72 5.92 -23.85
N ALA A 92 -7.62 6.97 -23.02
CA ALA A 92 -6.42 7.79 -23.00
C ALA A 92 -5.20 6.96 -22.63
N ILE A 93 -5.32 6.14 -21.58
CA ILE A 93 -4.21 5.30 -21.15
C ILE A 93 -3.91 4.22 -22.17
N GLU A 94 -4.95 3.54 -22.65
CA GLU A 94 -4.75 2.42 -23.57
C GLU A 94 -4.18 2.88 -24.89
N SER A 95 -4.60 4.07 -25.35
N SER A 95 -4.61 4.06 -25.35
CA SER A 95 -4.04 4.60 -26.58
CA SER A 95 -4.04 4.60 -26.58
C SER A 95 -2.55 4.88 -26.42
C SER A 95 -2.55 4.87 -26.41
N ARG A 96 -2.17 5.53 -25.33
CA ARG A 96 -0.83 6.09 -25.19
C ARG A 96 0.20 5.13 -24.61
N CYS A 97 -0.23 4.07 -23.95
CA CYS A 97 0.66 3.10 -23.33
C CYS A 97 0.41 1.73 -23.94
N THR A 98 1.49 1.10 -24.43
CA THR A 98 1.34 -0.19 -25.11
C THR A 98 1.14 -1.37 -24.16
N LEU A 99 1.23 -1.16 -22.85
CA LEU A 99 1.12 -2.28 -21.93
C LEU A 99 -0.30 -2.82 -21.93
N PRO A 100 -0.48 -4.12 -21.67
CA PRO A 100 -1.83 -4.64 -21.43
C PRO A 100 -2.52 -3.80 -20.37
N PHE A 101 -3.79 -3.50 -20.61
CA PHE A 101 -4.61 -2.75 -19.67
C PHE A 101 -5.71 -3.68 -19.19
N LEU A 102 -5.74 -3.95 -17.88
CA LEU A 102 -6.68 -4.90 -17.31
C LEU A 102 -7.86 -4.06 -16.86
N HIS A 103 -8.90 -3.99 -17.70
CA HIS A 103 -10.05 -3.12 -17.43
C HIS A 103 -10.87 -3.68 -16.27
N ILE A 104 -11.18 -2.81 -15.30
CA ILE A 104 -11.89 -3.25 -14.10
C ILE A 104 -13.26 -3.79 -14.44
N ALA A 105 -13.93 -3.24 -15.46
CA ALA A 105 -15.27 -3.73 -15.78
C ALA A 105 -15.25 -5.04 -16.54
N ASP A 106 -14.18 -5.34 -17.26
CA ASP A 106 -14.03 -6.67 -17.83
C ASP A 106 -13.89 -7.72 -16.75
N ALA A 107 -13.08 -7.45 -15.72
CA ALA A 107 -12.91 -8.42 -14.64
C ALA A 107 -14.20 -8.64 -13.87
N THR A 108 -14.92 -7.55 -13.58
CA THR A 108 -16.22 -7.63 -12.92
C THR A 108 -17.24 -8.32 -13.81
N GLY A 109 -17.25 -8.01 -15.11
CA GLY A 109 -18.19 -8.67 -16.02
C GLY A 109 -18.00 -10.16 -16.11
N ARG A 110 -16.74 -10.61 -16.04
CA ARG A 110 -16.46 -12.04 -16.05
C ARG A 110 -16.96 -12.68 -14.76
N ALA A 111 -16.79 -12.00 -13.63
CA ALA A 111 -17.26 -12.51 -12.35
C ALA A 111 -18.78 -12.65 -12.34
N ILE A 112 -19.50 -11.61 -12.75
CA ILE A 112 -20.95 -11.68 -12.79
C ILE A 112 -21.41 -12.73 -13.79
N THR A 113 -20.74 -12.79 -14.94
CA THR A 113 -21.08 -13.86 -15.88
C THR A 113 -20.97 -15.23 -15.24
N GLY A 114 -19.90 -15.46 -14.48
CA GLY A 114 -19.71 -16.75 -13.83
C GLY A 114 -20.78 -17.09 -12.82
N ALA A 115 -21.43 -16.08 -12.23
CA ALA A 115 -22.53 -16.29 -11.30
C ALA A 115 -23.86 -16.48 -12.01
N GLY A 116 -23.88 -16.42 -13.33
CA GLY A 116 -25.11 -16.68 -14.07
C GLY A 116 -26.09 -15.53 -14.07
N MET A 117 -25.64 -14.31 -13.77
CA MET A 117 -26.50 -13.16 -13.54
C MET A 117 -26.48 -12.21 -14.73
N THR A 118 -27.64 -11.59 -14.98
CA THR A 118 -27.74 -10.57 -16.01
C THR A 118 -28.41 -9.30 -15.55
N ARG A 119 -28.86 -9.23 -14.29
CA ARG A 119 -29.56 -8.06 -13.76
C ARG A 119 -29.02 -7.79 -12.37
N VAL A 120 -28.17 -6.78 -12.24
CA VAL A 120 -27.51 -6.50 -10.98
C VAL A 120 -27.70 -5.03 -10.60
N ALA A 121 -27.54 -4.76 -9.31
CA ALA A 121 -27.49 -3.40 -8.80
C ALA A 121 -26.07 -2.84 -8.92
N LEU A 122 -25.97 -1.55 -9.16
CA LEU A 122 -24.67 -0.87 -9.28
C LEU A 122 -24.63 0.29 -8.31
N LEU A 123 -23.71 0.22 -7.35
CA LEU A 123 -23.37 1.35 -6.51
C LEU A 123 -22.01 1.87 -6.91
N GLY A 124 -21.86 3.19 -6.87
CA GLY A 124 -20.58 3.79 -7.20
C GLY A 124 -20.67 5.29 -7.07
N THR A 125 -19.66 6.00 -7.61
CA THR A 125 -19.80 7.44 -7.70
C THR A 125 -20.99 7.78 -8.59
N ARG A 126 -21.44 9.03 -8.51
CA ARG A 126 -22.54 9.46 -9.38
C ARG A 126 -22.16 9.30 -10.84
N TYR A 127 -20.89 9.47 -11.18
CA TYR A 127 -20.48 9.39 -12.58
C TYR A 127 -20.61 7.96 -13.09
N THR A 128 -20.12 7.01 -12.31
CA THR A 128 -20.21 5.60 -12.66
C THR A 128 -21.65 5.12 -12.76
N MET A 129 -22.51 5.57 -11.84
CA MET A 129 -23.89 5.11 -11.84
C MET A 129 -24.68 5.70 -13.01
N GLU A 130 -24.52 6.99 -13.27
CA GLU A 130 -25.42 7.72 -14.16
C GLU A 130 -24.96 7.74 -15.61
N GLN A 131 -23.65 7.66 -15.85
CA GLN A 131 -23.15 7.83 -17.21
C GLN A 131 -23.11 6.49 -17.94
N ASP A 132 -22.65 6.51 -19.19
CA ASP A 132 -22.65 5.31 -20.04
C ASP A 132 -21.33 4.56 -20.05
N PHE A 133 -20.23 5.15 -19.59
CA PHE A 133 -18.93 4.53 -19.81
C PHE A 133 -18.82 3.15 -19.13
N TYR A 134 -19.35 2.99 -17.91
CA TYR A 134 -19.19 1.74 -17.17
C TYR A 134 -20.28 0.75 -17.53
N ARG A 135 -21.53 1.17 -17.38
CA ARG A 135 -22.67 0.33 -17.66
C ARG A 135 -22.73 -0.06 -19.14
N GLY A 136 -22.37 0.87 -20.03
CA GLY A 136 -22.39 0.54 -21.45
C GLY A 136 -21.46 -0.60 -21.76
N ARG A 137 -20.32 -0.65 -21.08
CA ARG A 137 -19.39 -1.75 -21.30
C ARG A 137 -19.96 -3.07 -20.77
N LEU A 138 -20.64 -3.06 -19.62
CA LEU A 138 -21.22 -4.31 -19.14
C LEU A 138 -22.32 -4.79 -20.09
N THR A 139 -23.09 -3.87 -20.64
CA THR A 139 -24.14 -4.25 -21.59
C THR A 139 -23.53 -4.77 -22.89
N GLU A 140 -22.58 -4.04 -23.46
CA GLU A 140 -22.06 -4.39 -24.77
C GLU A 140 -21.20 -5.66 -24.73
N GLN A 141 -20.30 -5.82 -23.74
CA GLN A 141 -19.48 -7.03 -23.73
C GLN A 141 -20.15 -8.23 -23.05
N PHE A 142 -21.04 -8.02 -22.11
CA PHE A 142 -21.52 -9.13 -21.31
C PHE A 142 -23.03 -9.29 -21.27
N SER A 143 -23.79 -8.39 -21.89
CA SER A 143 -25.26 -8.42 -21.81
C SER A 143 -25.73 -8.39 -20.36
N ILE A 144 -25.01 -7.62 -19.54
CA ILE A 144 -25.36 -7.41 -18.14
C ILE A 144 -26.01 -6.04 -18.02
N ASN A 145 -27.18 -6.00 -17.38
CA ASN A 145 -27.91 -4.77 -17.13
C ASN A 145 -27.75 -4.36 -15.67
N CYS A 146 -27.62 -3.05 -15.44
CA CYS A 146 -27.44 -2.50 -14.09
C CYS A 146 -28.65 -1.68 -13.68
N LEU A 147 -29.18 -1.95 -12.50
CA LEU A 147 -30.13 -1.08 -11.82
C LEU A 147 -29.35 -0.12 -10.94
N ILE A 148 -29.76 1.15 -10.92
CA ILE A 148 -29.07 2.13 -10.08
C ILE A 148 -30.08 2.74 -9.12
N PRO A 149 -29.61 3.35 -8.03
CA PRO A 149 -30.53 3.94 -7.06
C PRO A 149 -31.26 5.13 -7.64
N GLU A 150 -32.28 5.56 -6.90
CA GLU A 150 -33.03 6.77 -7.20
C GLU A 150 -32.16 8.01 -7.00
N ALA A 151 -32.56 9.11 -7.65
CA ALA A 151 -31.77 10.34 -7.66
C ALA A 151 -31.33 10.76 -6.26
N ASP A 152 -32.25 10.76 -5.28
CA ASP A 152 -31.90 11.17 -3.93
C ASP A 152 -30.89 10.21 -3.31
N GLU A 153 -31.08 8.91 -3.54
CA GLU A 153 -30.14 7.92 -3.01
C GLU A 153 -28.77 8.07 -3.67
N ARG A 154 -28.73 8.35 -4.97
CA ARG A 154 -27.44 8.49 -5.64
C ARG A 154 -26.64 9.66 -5.06
N ALA A 155 -27.32 10.77 -4.81
CA ALA A 155 -26.67 11.94 -4.21
C ALA A 155 -26.00 11.59 -2.88
N LYS A 156 -26.70 10.83 -2.04
CA LYS A 156 -26.19 10.53 -0.71
C LYS A 156 -25.09 9.49 -0.77
N ILE A 157 -25.27 8.49 -1.64
CA ILE A 157 -24.23 7.47 -1.84
C ILE A 157 -22.94 8.14 -2.28
N ASN A 158 -23.05 9.06 -3.22
CA ASN A 158 -21.90 9.80 -3.71
C ASN A 158 -21.32 10.68 -2.62
N GLN A 159 -22.18 11.38 -1.86
CA GLN A 159 -21.67 12.21 -0.78
C GLN A 159 -20.85 11.39 0.22
N ILE A 160 -21.35 10.22 0.60
CA ILE A 160 -20.65 9.37 1.56
C ILE A 160 -19.30 8.95 1.02
N ILE A 161 -19.21 8.64 -0.28
CA ILE A 161 -17.93 8.25 -0.86
C ILE A 161 -16.89 9.34 -0.67
N PHE A 162 -17.20 10.57 -1.07
CA PHE A 162 -16.20 11.63 -1.14
C PHE A 162 -16.03 12.39 0.16
N GLU A 163 -17.05 12.44 1.00
CA GLU A 163 -16.95 13.17 2.26
C GLU A 163 -16.62 12.27 3.45
N GLU A 164 -16.74 10.94 3.29
CA GLU A 164 -16.48 10.03 4.39
C GLU A 164 -15.47 8.96 3.99
N LEU A 165 -15.80 8.09 3.03
CA LEU A 165 -14.95 6.93 2.76
C LEU A 165 -13.56 7.34 2.29
N CYS A 166 -13.46 8.34 1.41
CA CYS A 166 -12.16 8.75 0.93
C CYS A 166 -11.35 9.50 1.98
N LEU A 167 -11.97 9.84 3.11
CA LEU A 167 -11.30 10.42 4.26
C LEU A 167 -11.17 9.42 5.41
N GLY A 168 -11.48 8.15 5.17
CA GLY A 168 -11.25 7.11 6.15
C GLY A 168 -12.28 7.03 7.25
N GLN A 169 -13.45 7.67 7.06
CA GLN A 169 -14.53 7.61 8.04
C GLN A 169 -15.52 6.54 7.61
N PHE A 170 -15.74 5.55 8.44
CA PHE A 170 -16.65 4.46 8.11
C PHE A 170 -17.69 4.39 9.23
N THR A 171 -18.82 5.05 9.00
CA THR A 171 -19.81 5.21 10.05
C THR A 171 -20.95 4.22 9.90
N GLU A 172 -21.62 3.91 11.01
CA GLU A 172 -22.72 2.97 10.96
C GLU A 172 -23.94 3.55 10.26
N ALA A 173 -24.24 4.84 10.46
CA ALA A 173 -25.41 5.38 9.77
C ALA A 173 -25.23 5.33 8.26
N SER A 174 -24.00 5.54 7.78
CA SER A 174 -23.77 5.39 6.35
C SER A 174 -23.79 3.93 5.93
N ARG A 175 -23.28 3.05 6.78
CA ARG A 175 -23.34 1.61 6.49
C ARG A 175 -24.78 1.15 6.37
N ALA A 176 -25.62 1.55 7.33
CA ALA A 176 -27.03 1.18 7.28
C ALA A 176 -27.72 1.77 6.05
N TYR A 177 -27.43 3.03 5.71
CA TYR A 177 -28.03 3.65 4.52
C TYR A 177 -27.68 2.86 3.26
N TYR A 178 -26.42 2.46 3.11
CA TYR A 178 -26.03 1.64 1.97
C TYR A 178 -26.75 0.31 1.98
N ALA A 179 -26.86 -0.32 3.15
CA ALA A 179 -27.56 -1.59 3.23
C ALA A 179 -29.01 -1.44 2.83
N GLN A 180 -29.63 -0.32 3.21
CA GLN A 180 -31.03 -0.05 2.90
C GLN A 180 -31.26 0.13 1.40
N VAL A 181 -30.34 0.82 0.72
CA VAL A 181 -30.44 0.97 -0.73
C VAL A 181 -30.26 -0.38 -1.42
N ILE A 182 -29.39 -1.23 -0.89
CA ILE A 182 -29.20 -2.55 -1.51
C ILE A 182 -30.47 -3.38 -1.39
N ALA A 183 -31.09 -3.37 -0.21
CA ALA A 183 -32.32 -4.13 -0.04
C ALA A 183 -33.43 -3.62 -0.94
N ARG A 184 -33.53 -2.29 -1.12
CA ARG A 184 -34.54 -1.75 -2.02
C ARG A 184 -34.31 -2.20 -3.46
N LEU A 185 -33.05 -2.23 -3.90
CA LEU A 185 -32.77 -2.68 -5.26
C LEU A 185 -32.99 -4.18 -5.41
N ALA A 186 -32.82 -4.93 -4.32
CA ALA A 186 -33.16 -6.36 -4.31
C ALA A 186 -34.65 -6.55 -4.56
N GLU A 187 -35.48 -5.69 -3.97
CA GLU A 187 -36.92 -5.71 -4.22
C GLU A 187 -37.25 -5.45 -5.69
N GLN A 188 -36.31 -4.91 -6.47
CA GLN A 188 -36.50 -4.65 -7.88
C GLN A 188 -35.99 -5.77 -8.77
N GLY A 189 -35.65 -6.92 -8.19
CA GLY A 189 -35.16 -8.05 -8.96
C GLY A 189 -33.66 -8.08 -9.19
N ALA A 190 -32.90 -7.18 -8.56
CA ALA A 190 -31.44 -7.27 -8.64
C ALA A 190 -30.97 -8.62 -8.12
N GLN A 191 -30.08 -9.26 -8.87
CA GLN A 191 -29.59 -10.58 -8.52
C GLN A 191 -28.30 -10.52 -7.71
N GLY A 192 -27.58 -9.42 -7.80
CA GLY A 192 -26.40 -9.19 -7.00
C GLY A 192 -26.19 -7.70 -6.96
N VAL A 193 -25.11 -7.28 -6.31
CA VAL A 193 -24.80 -5.85 -6.21
C VAL A 193 -23.33 -5.64 -6.53
N ILE A 194 -23.05 -4.75 -7.47
CA ILE A 194 -21.68 -4.33 -7.74
C ILE A 194 -21.30 -3.23 -6.76
N PHE A 195 -20.26 -3.47 -5.96
CA PHE A 195 -19.57 -2.39 -5.25
C PHE A 195 -18.66 -1.73 -6.28
N GLY A 196 -19.21 -0.77 -7.02
CA GLY A 196 -18.57 -0.20 -8.19
C GLY A 196 -17.93 1.15 -7.91
N CYS A 197 -17.61 1.37 -6.64
CA CYS A 197 -16.58 2.29 -6.20
C CYS A 197 -15.71 1.49 -5.24
N THR A 198 -14.39 1.59 -5.43
CA THR A 198 -13.47 0.69 -4.74
C THR A 198 -13.42 0.93 -3.23
N GLU A 199 -13.95 2.05 -2.73
CA GLU A 199 -14.01 2.27 -1.29
C GLU A 199 -15.22 1.63 -0.62
N ILE A 200 -16.23 1.20 -1.38
CA ILE A 200 -17.47 0.75 -0.73
C ILE A 200 -17.23 -0.47 0.12
N GLY A 201 -16.40 -1.40 -0.36
CA GLY A 201 -15.98 -2.58 0.38
C GLY A 201 -15.45 -2.29 1.76
N LEU A 202 -14.83 -1.13 1.94
CA LEU A 202 -14.31 -0.75 3.26
C LEU A 202 -15.44 -0.42 4.25
N LEU A 203 -16.59 0.00 3.75
CA LEU A 203 -17.73 0.42 4.57
C LEU A 203 -18.68 -0.74 4.87
N VAL A 204 -19.05 -1.48 3.83
CA VAL A 204 -20.16 -2.43 3.89
C VAL A 204 -19.61 -3.86 3.90
N PRO A 205 -19.62 -4.56 5.03
CA PRO A 205 -19.29 -5.99 5.00
C PRO A 205 -20.31 -6.74 4.17
N GLU A 206 -19.89 -7.89 3.63
CA GLU A 206 -20.82 -8.67 2.84
C GLU A 206 -22.04 -9.09 3.66
N GLU A 207 -21.86 -9.31 4.96
CA GLU A 207 -22.96 -9.61 5.90
C GLU A 207 -24.03 -8.56 5.92
N ARG A 208 -23.72 -7.33 5.56
CA ARG A 208 -24.73 -6.28 5.64
C ARG A 208 -25.51 -6.16 4.36
N SER A 209 -25.12 -6.89 3.33
CA SER A 209 -25.78 -6.87 2.03
C SER A 209 -26.71 -8.08 1.90
N VAL A 210 -27.99 -7.82 1.59
CA VAL A 210 -28.91 -8.91 1.30
C VAL A 210 -28.71 -9.48 -0.10
N LEU A 211 -27.84 -8.88 -0.91
CA LEU A 211 -27.53 -9.44 -2.20
C LEU A 211 -26.10 -9.94 -2.26
N PRO A 212 -25.82 -10.98 -3.05
CA PRO A 212 -24.42 -11.39 -3.31
C PRO A 212 -23.63 -10.20 -3.84
N VAL A 213 -22.41 -10.02 -3.29
CA VAL A 213 -21.60 -8.83 -3.54
C VAL A 213 -20.52 -9.15 -4.56
N PHE A 214 -20.37 -8.27 -5.55
CA PHE A 214 -19.23 -8.24 -6.45
C PHE A 214 -18.37 -7.06 -6.06
N ASP A 215 -17.27 -7.33 -5.37
CA ASP A 215 -16.40 -6.26 -4.91
C ASP A 215 -15.37 -5.99 -6.00
N THR A 216 -15.48 -4.84 -6.66
CA THR A 216 -14.66 -4.59 -7.85
C THR A 216 -13.18 -4.53 -7.51
N ALA A 217 -12.84 -3.97 -6.35
CA ALA A 217 -11.43 -3.91 -5.99
C ALA A 217 -10.89 -5.31 -5.76
N ALA A 218 -11.60 -6.16 -5.08
CA ALA A 218 -11.12 -7.53 -4.94
C ALA A 218 -11.02 -8.34 -6.23
N ILE A 219 -12.06 -8.27 -7.04
CA ILE A 219 -12.05 -8.89 -8.34
C ILE A 219 -10.88 -8.40 -9.24
N HIS A 220 -10.69 -7.09 -9.25
CA HIS A 220 -9.61 -6.53 -10.06
C HIS A 220 -8.27 -7.06 -9.59
N ALA A 221 -8.12 -7.18 -8.28
CA ALA A 221 -6.88 -7.64 -7.69
C ALA A 221 -6.55 -9.08 -8.11
N GLU A 222 -7.58 -9.91 -8.06
CA GLU A 222 -7.43 -11.27 -8.50
C GLU A 222 -7.09 -11.45 -9.98
N ASP A 223 -7.68 -10.60 -10.81
CA ASP A 223 -7.35 -10.45 -12.21
C ASP A 223 -5.88 -10.07 -12.41
N ALA A 224 -5.39 -9.11 -11.62
CA ALA A 224 -3.97 -8.76 -11.66
C ALA A 224 -3.09 -9.97 -11.35
N VAL A 225 -3.41 -10.69 -10.27
CA VAL A 225 -2.61 -11.86 -9.91
C VAL A 225 -2.61 -12.88 -11.04
N ALA A 226 -3.77 -13.13 -11.66
CA ALA A 226 -3.84 -14.08 -12.77
C ALA A 226 -2.95 -13.63 -13.93
N PHE A 227 -2.96 -12.33 -14.24
CA PHE A 227 -2.09 -11.77 -15.26
C PHE A 227 -0.62 -11.93 -14.89
N MET A 228 -0.27 -11.65 -13.64
CA MET A 228 1.14 -11.72 -13.23
C MET A 228 1.69 -13.14 -13.35
N LEU A 229 0.86 -14.15 -13.12
CA LEU A 229 1.28 -15.54 -13.16
C LEU A 229 0.92 -16.25 -14.47
N SER A 230 0.30 -15.55 -15.41
CA SER A 230 -0.19 -16.13 -16.68
C SER A 230 -1.11 -17.33 -16.44
N LEU A 231 -2.06 -17.16 -15.52
CA LEU A 231 -3.19 -18.06 -15.31
C LEU A 231 -4.41 -17.34 -15.85
N GLU A 232 -5.45 -18.09 -16.24
CA GLU A 232 -6.73 -17.43 -16.55
C GLU A 232 -6.56 -16.35 -17.62
N HIS A 233 -5.36 -15.74 -17.64
CA HIS A 233 -4.70 -15.04 -18.74
C HIS A 233 -3.81 -15.99 -19.55
N MET B 1 4.27 19.49 -3.80
CA MET B 1 4.98 18.49 -3.02
C MET B 1 5.93 17.69 -3.91
N LYS B 2 7.01 17.17 -3.33
CA LYS B 2 7.88 16.28 -4.04
C LYS B 2 7.29 14.88 -4.03
N THR B 3 7.51 14.16 -5.13
CA THR B 3 7.10 12.76 -5.22
C THR B 3 8.14 11.90 -4.52
N ILE B 4 7.69 11.09 -3.56
CA ILE B 4 8.60 10.19 -2.84
C ILE B 4 8.61 8.84 -3.52
N GLY B 5 9.80 8.25 -3.59
CA GLY B 5 9.99 6.90 -4.10
C GLY B 5 10.26 5.94 -2.97
N LEU B 6 9.45 4.90 -2.90
CA LEU B 6 9.53 3.92 -1.82
C LEU B 6 10.04 2.60 -2.36
N LEU B 7 11.05 2.04 -1.71
CA LEU B 7 11.56 0.69 -2.01
C LEU B 7 10.97 -0.20 -0.94
N GLY B 8 10.00 -1.02 -1.32
CA GLY B 8 9.20 -1.72 -0.32
C GLY B 8 9.06 -3.19 -0.64
N GLY B 9 8.08 -3.85 -0.03
CA GLY B 9 8.00 -5.29 -0.17
C GLY B 9 9.00 -6.08 0.64
N MET B 10 9.55 -5.50 1.70
CA MET B 10 10.55 -6.15 2.55
C MET B 10 10.23 -6.08 4.05
N SER B 11 9.12 -6.63 4.51
CA SER B 11 8.10 -7.30 3.73
C SER B 11 6.97 -6.34 3.35
N TRP B 12 6.03 -6.85 2.55
CA TRP B 12 4.92 -6.01 2.12
C TRP B 12 4.06 -5.62 3.31
N GLU B 13 4.10 -6.42 4.36
CA GLU B 13 3.31 -6.17 5.56
C GLU B 13 3.68 -4.85 6.20
N SER B 14 4.96 -4.48 6.14
CA SER B 14 5.39 -3.21 6.70
C SER B 14 5.45 -2.08 5.68
N THR B 15 5.34 -2.38 4.38
CA THR B 15 5.19 -1.31 3.40
C THR B 15 3.83 -0.62 3.50
N ILE B 16 2.78 -1.34 3.91
CA ILE B 16 1.47 -0.70 4.08
C ILE B 16 1.51 0.43 5.10
N PRO B 17 2.06 0.27 6.30
CA PRO B 17 2.12 1.41 7.23
C PRO B 17 2.86 2.63 6.66
N TYR B 18 3.94 2.44 5.90
CA TYR B 18 4.55 3.59 5.20
C TYR B 18 3.54 4.31 4.33
N TYR B 19 2.85 3.57 3.46
CA TYR B 19 1.86 4.16 2.57
C TYR B 19 0.77 4.86 3.35
N ARG B 20 0.22 4.19 4.37
CA ARG B 20 -0.84 4.78 5.18
C ARG B 20 -0.37 6.07 5.85
N LEU B 21 0.81 6.01 6.48
CA LEU B 21 1.25 7.15 7.29
C LEU B 21 1.69 8.33 6.42
N ILE B 22 2.27 8.07 5.25
CA ILE B 22 2.66 9.16 4.37
C ILE B 22 1.43 9.85 3.78
N ASN B 23 0.40 9.07 3.42
CA ASN B 23 -0.86 9.68 3.00
C ASN B 23 -1.54 10.45 4.13
N GLU B 24 -1.58 9.88 5.34
CA GLU B 24 -2.19 10.61 6.45
C GLU B 24 -1.42 11.90 6.76
N GLY B 25 -0.09 11.86 6.67
CA GLY B 25 0.70 13.07 6.89
C GLY B 25 0.40 14.17 5.89
N ILE B 26 0.29 13.82 4.61
CA ILE B 26 -0.06 14.80 3.59
C ILE B 26 -1.48 15.32 3.80
N LYS B 27 -2.44 14.42 4.10
CA LYS B 27 -3.80 14.86 4.40
C LYS B 27 -3.82 15.87 5.54
N GLN B 28 -3.06 15.61 6.61
CA GLN B 28 -3.06 16.49 7.78
C GLN B 28 -2.51 17.88 7.45
N ARG B 29 -1.51 17.95 6.57
CA ARG B 29 -0.83 19.21 6.28
C ARG B 29 -1.49 20.03 5.17
N LEU B 30 -1.98 19.37 4.11
CA LEU B 30 -2.61 20.08 3.00
C LEU B 30 -4.13 20.12 3.07
N GLY B 31 -4.76 19.19 3.79
CA GLY B 31 -6.19 19.21 4.00
C GLY B 31 -7.03 18.62 2.88
N GLY B 32 -8.34 18.65 3.10
CA GLY B 32 -9.28 18.21 2.09
C GLY B 32 -9.02 16.78 1.63
N LEU B 33 -9.17 16.57 0.34
CA LEU B 33 -8.93 15.27 -0.25
C LEU B 33 -7.48 15.10 -0.74
N HIS B 34 -6.55 15.94 -0.30
CA HIS B 34 -5.16 15.80 -0.73
C HIS B 34 -4.56 14.48 -0.25
N SER B 35 -3.78 13.85 -1.12
CA SER B 35 -3.08 12.63 -0.78
C SER B 35 -1.67 12.69 -1.32
N ALA B 36 -0.85 11.72 -0.92
CA ALA B 36 0.58 11.76 -1.18
C ALA B 36 0.92 11.36 -2.62
N GLN B 37 1.85 12.09 -3.23
CA GLN B 37 2.44 11.66 -4.50
C GLN B 37 3.49 10.61 -4.19
N VAL B 38 3.23 9.36 -4.55
CA VAL B 38 4.06 8.23 -4.18
C VAL B 38 4.33 7.38 -5.40
N LEU B 39 5.60 7.03 -5.59
CA LEU B 39 6.03 5.92 -6.44
C LEU B 39 6.60 4.81 -5.56
N LEU B 40 6.07 3.60 -5.71
CA LEU B 40 6.50 2.45 -4.93
C LEU B 40 6.95 1.37 -5.89
N HIS B 41 8.16 0.86 -5.65
CA HIS B 41 8.62 -0.39 -6.25
C HIS B 41 8.64 -1.40 -5.12
N SER B 42 7.73 -2.38 -5.20
CA SER B 42 7.69 -3.47 -4.25
C SER B 42 8.39 -4.68 -4.88
N VAL B 43 9.37 -5.23 -4.18
CA VAL B 43 10.11 -6.38 -4.64
C VAL B 43 9.41 -7.66 -4.22
N ASP B 44 9.81 -8.76 -4.87
CA ASP B 44 9.55 -10.09 -4.33
C ASP B 44 10.54 -10.36 -3.20
N PHE B 45 10.03 -10.36 -1.97
CA PHE B 45 10.87 -10.45 -0.78
C PHE B 45 11.69 -11.74 -0.77
N HIS B 46 11.19 -12.82 -1.39
CA HIS B 46 11.95 -14.07 -1.37
C HIS B 46 13.37 -13.87 -1.88
N GLU B 47 13.52 -13.17 -2.99
CA GLU B 47 14.86 -13.01 -3.55
C GLU B 47 15.76 -12.27 -2.58
N ILE B 48 15.23 -11.21 -1.94
CA ILE B 48 16.02 -10.43 -0.98
C ILE B 48 16.39 -11.28 0.22
N GLU B 49 15.40 -11.97 0.83
CA GLU B 49 15.62 -12.67 2.10
C GLU B 49 16.52 -13.88 1.91
N GLU B 50 16.33 -14.61 0.81
CA GLU B 50 17.23 -15.71 0.50
C GLU B 50 18.67 -15.21 0.39
N CYS B 51 18.85 -14.06 -0.27
CA CYS B 51 20.19 -13.47 -0.36
C CYS B 51 20.76 -13.11 1.00
N GLN B 52 19.93 -12.56 1.90
CA GLN B 52 20.39 -12.31 3.28
C GLN B 52 21.03 -13.54 3.88
N ARG B 53 20.32 -14.68 3.81
CA ARG B 53 20.77 -15.91 4.43
C ARG B 53 22.01 -16.47 3.76
N ARG B 54 22.21 -16.19 2.48
CA ARG B 54 23.42 -16.64 1.79
C ARG B 54 24.56 -15.63 1.89
N GLY B 55 24.33 -14.47 2.50
CA GLY B 55 25.32 -13.42 2.48
C GLY B 55 25.55 -12.80 1.11
N GLU B 56 24.56 -12.87 0.23
CA GLU B 56 24.68 -12.30 -1.11
C GLU B 56 24.24 -10.83 -1.10
N TRP B 57 24.98 -10.03 -0.34
CA TRP B 57 24.56 -8.65 -0.15
C TRP B 57 24.79 -7.79 -1.40
N ASP B 58 25.85 -8.06 -2.15
CA ASP B 58 26.09 -7.27 -3.36
C ASP B 58 24.94 -7.43 -4.35
N LYS B 59 24.42 -8.65 -4.51
CA LYS B 59 23.27 -8.85 -5.38
C LYS B 59 22.07 -8.01 -4.93
N THR B 60 21.80 -7.93 -3.60
CA THR B 60 20.68 -7.09 -3.16
C THR B 60 20.94 -5.62 -3.44
N GLY B 61 22.18 -5.18 -3.31
CA GLY B 61 22.48 -3.79 -3.65
C GLY B 61 22.17 -3.51 -5.11
N ASP B 62 22.50 -4.45 -5.98
CA ASP B 62 22.20 -4.32 -7.40
C ASP B 62 20.69 -4.23 -7.63
N ILE B 63 19.92 -5.12 -6.99
CA ILE B 63 18.47 -5.13 -7.15
C ILE B 63 17.87 -3.80 -6.70
N LEU B 64 18.25 -3.34 -5.50
CA LEU B 64 17.62 -2.15 -4.96
C LEU B 64 18.10 -0.88 -5.66
N ALA B 65 19.37 -0.84 -6.11
CA ALA B 65 19.82 0.33 -6.85
C ALA B 65 19.11 0.43 -8.20
N GLU B 66 18.90 -0.70 -8.89
CA GLU B 66 18.16 -0.68 -10.14
C GLU B 66 16.71 -0.27 -9.91
N ALA B 67 16.13 -0.68 -8.79
CA ALA B 67 14.76 -0.28 -8.48
C ALA B 67 14.68 1.22 -8.24
N ALA B 68 15.63 1.77 -7.49
CA ALA B 68 15.65 3.21 -7.23
C ALA B 68 15.82 4.02 -8.53
N LEU B 69 16.65 3.54 -9.45
CA LEU B 69 16.79 4.23 -10.72
C LEU B 69 15.50 4.16 -11.53
N GLY B 70 14.81 3.01 -11.50
CA GLY B 70 13.53 2.91 -12.16
C GLY B 70 12.53 3.92 -11.64
N LEU B 71 12.47 4.10 -10.31
CA LEU B 71 11.60 5.12 -9.74
C LEU B 71 12.06 6.53 -10.08
N GLN B 72 13.37 6.75 -10.14
CA GLN B 72 13.84 8.05 -10.63
C GLN B 72 13.33 8.32 -12.05
N ARG B 73 13.38 7.30 -12.92
CA ARG B 73 12.87 7.45 -14.28
C ARG B 73 11.37 7.72 -14.32
N ALA B 74 10.62 7.31 -13.29
CA ALA B 74 9.20 7.57 -13.23
C ALA B 74 8.85 8.90 -12.58
N GLY B 75 9.79 9.57 -11.93
CA GLY B 75 9.57 10.91 -11.42
C GLY B 75 9.79 11.04 -9.93
N ALA B 76 10.33 10.02 -9.29
CA ALA B 76 10.63 10.13 -7.87
C ALA B 76 11.70 11.19 -7.64
N GLU B 77 11.57 11.92 -6.54
CA GLU B 77 12.51 12.98 -6.19
C GLU B 77 13.27 12.71 -4.90
N GLY B 78 13.02 11.57 -4.26
CA GLY B 78 13.77 11.11 -3.12
C GLY B 78 13.45 9.66 -2.88
N ILE B 79 14.34 8.98 -2.16
CA ILE B 79 14.28 7.53 -1.97
C ILE B 79 14.12 7.20 -0.49
N VAL B 80 13.15 6.35 -0.18
CA VAL B 80 12.91 5.78 1.14
C VAL B 80 12.98 4.27 1.01
N LEU B 81 13.90 3.64 1.74
CA LEU B 81 14.05 2.19 1.77
C LEU B 81 13.29 1.63 2.98
N CYS B 82 12.24 0.85 2.73
CA CYS B 82 11.29 0.49 3.80
C CYS B 82 11.73 -0.74 4.56
N THR B 83 12.97 -0.72 5.07
CA THR B 83 13.55 -1.87 5.75
C THR B 83 14.82 -1.41 6.44
N ASN B 84 14.96 -1.73 7.73
CA ASN B 84 16.19 -1.43 8.45
C ASN B 84 17.36 -2.28 7.95
N THR B 85 17.15 -3.61 7.80
CA THR B 85 18.24 -4.50 7.42
C THR B 85 18.89 -4.08 6.10
N MET B 86 18.07 -3.74 5.11
CA MET B 86 18.65 -3.48 3.79
C MET B 86 19.39 -2.13 3.70
N HIS B 87 19.39 -1.33 4.78
CA HIS B 87 20.32 -0.20 4.82
C HIS B 87 21.77 -0.66 4.93
N LYS B 88 22.00 -1.97 5.10
CA LYS B 88 23.36 -2.50 4.94
C LYS B 88 23.89 -2.21 3.55
N VAL B 89 23.02 -2.15 2.55
CA VAL B 89 23.48 -1.86 1.18
C VAL B 89 22.99 -0.50 0.69
N ALA B 90 22.75 0.44 1.62
CA ALA B 90 22.36 1.79 1.23
C ALA B 90 23.37 2.42 0.29
N ASP B 91 24.65 2.12 0.47
CA ASP B 91 25.67 2.80 -0.31
C ASP B 91 25.65 2.38 -1.77
N ALA B 92 25.22 1.14 -2.06
CA ALA B 92 24.98 0.75 -3.45
C ALA B 92 23.88 1.59 -4.10
N ILE B 93 22.81 1.86 -3.35
CA ILE B 93 21.73 2.69 -3.90
C ILE B 93 22.19 4.12 -4.10
N GLU B 94 22.90 4.69 -3.11
CA GLU B 94 23.29 6.09 -3.18
C GLU B 94 24.39 6.33 -4.23
N SER B 95 25.25 5.35 -4.48
CA SER B 95 26.28 5.55 -5.49
C SER B 95 25.72 5.45 -6.88
N ARG B 96 24.59 4.79 -7.03
CA ARG B 96 23.94 4.62 -8.34
C ARG B 96 22.79 5.61 -8.61
N CYS B 97 22.08 6.05 -7.58
CA CYS B 97 20.94 6.92 -7.80
C CYS B 97 21.22 8.24 -7.11
N THR B 98 21.19 9.33 -7.87
CA THR B 98 21.52 10.66 -7.36
C THR B 98 20.41 11.29 -6.54
N LEU B 99 19.25 10.65 -6.41
CA LEU B 99 18.19 11.25 -5.63
C LEU B 99 18.61 11.33 -4.17
N PRO B 100 18.12 12.32 -3.43
CA PRO B 100 18.32 12.32 -1.98
C PRO B 100 17.85 11.00 -1.39
N PHE B 101 18.62 10.47 -0.46
CA PHE B 101 18.34 9.20 0.18
C PHE B 101 18.07 9.44 1.65
N LEU B 102 16.86 9.12 2.10
CA LEU B 102 16.42 9.41 3.46
C LEU B 102 16.73 8.20 4.31
N HIS B 103 17.90 8.23 4.98
CA HIS B 103 18.38 7.06 5.71
C HIS B 103 17.53 6.83 6.96
N ILE B 104 17.04 5.59 7.12
CA ILE B 104 16.13 5.27 8.22
C ILE B 104 16.83 5.49 9.56
N ALA B 105 18.15 5.26 9.63
CA ALA B 105 18.81 5.39 10.92
C ALA B 105 19.06 6.84 11.27
N ASP B 106 19.16 7.71 10.27
CA ASP B 106 19.26 9.13 10.55
C ASP B 106 17.95 9.66 11.12
N ALA B 107 16.81 9.26 10.53
CA ALA B 107 15.52 9.65 11.07
C ALA B 107 15.34 9.15 12.49
N THR B 108 15.70 7.89 12.75
CA THR B 108 15.58 7.34 14.09
C THR B 108 16.55 8.02 15.05
N GLY B 109 17.78 8.29 14.59
CA GLY B 109 18.75 8.96 15.46
C GLY B 109 18.31 10.35 15.88
N ARG B 110 17.69 11.10 14.96
CA ARG B 110 17.15 12.41 15.31
C ARG B 110 16.04 12.30 16.34
N ALA B 111 15.16 11.31 16.19
CA ALA B 111 14.09 11.12 17.17
C ALA B 111 14.66 10.81 18.54
N ILE B 112 15.58 9.85 18.61
CA ILE B 112 16.19 9.48 19.89
C ILE B 112 16.93 10.66 20.50
N THR B 113 17.68 11.39 19.67
CA THR B 113 18.31 12.62 20.15
C THR B 113 17.29 13.54 20.80
N GLY B 114 16.14 13.73 20.14
CA GLY B 114 15.15 14.65 20.64
C GLY B 114 14.59 14.27 21.99
N ALA B 115 14.60 12.98 22.33
CA ALA B 115 14.12 12.56 23.64
C ALA B 115 15.23 12.52 24.68
N GLY B 116 16.42 12.99 24.31
CA GLY B 116 17.50 13.17 25.26
C GLY B 116 18.19 11.89 25.68
N MET B 117 18.11 10.83 24.89
CA MET B 117 18.62 9.52 25.27
C MET B 117 19.88 9.17 24.50
N THR B 118 20.76 8.42 25.17
CA THR B 118 21.98 7.93 24.56
C THR B 118 22.19 6.44 24.75
N ARG B 119 21.28 5.74 25.45
CA ARG B 119 21.43 4.32 25.72
C ARG B 119 20.07 3.66 25.54
N VAL B 120 19.90 2.97 24.41
CA VAL B 120 18.61 2.38 24.04
C VAL B 120 18.79 0.92 23.71
N ALA B 121 17.69 0.19 23.81
CA ALA B 121 17.61 -1.18 23.34
C ALA B 121 17.32 -1.20 21.84
N LEU B 122 17.87 -2.20 21.16
CA LEU B 122 17.62 -2.39 19.73
C LEU B 122 17.09 -3.79 19.48
N LEU B 123 15.86 -3.88 18.95
CA LEU B 123 15.34 -5.10 18.38
C LEU B 123 15.33 -4.98 16.87
N GLY B 124 15.58 -6.10 16.19
CA GLY B 124 15.59 -6.08 14.74
C GLY B 124 15.89 -7.46 14.23
N THR B 125 16.17 -7.57 12.92
CA THR B 125 16.71 -8.84 12.44
C THR B 125 18.05 -9.12 13.12
N ARG B 126 18.48 -10.38 13.03
CA ARG B 126 19.80 -10.71 13.59
C ARG B 126 20.90 -9.88 12.95
N TYR B 127 20.79 -9.55 11.66
CA TYR B 127 21.82 -8.77 10.98
C TYR B 127 21.87 -7.35 11.56
N THR B 128 20.71 -6.73 11.73
CA THR B 128 20.64 -5.39 12.30
C THR B 128 21.15 -5.36 13.73
N MET B 129 20.83 -6.37 14.53
CA MET B 129 21.24 -6.36 15.92
C MET B 129 22.73 -6.58 16.07
N GLU B 130 23.30 -7.51 15.29
CA GLU B 130 24.62 -8.04 15.58
C GLU B 130 25.72 -7.37 14.78
N GLN B 131 25.40 -6.86 13.62
CA GLN B 131 26.43 -6.29 12.76
C GLN B 131 26.60 -4.81 13.10
N ASP B 132 27.50 -4.15 12.39
CA ASP B 132 27.85 -2.76 12.71
C ASP B 132 27.20 -1.74 11.79
N PHE B 133 26.56 -2.15 10.70
CA PHE B 133 26.10 -1.15 9.74
C PHE B 133 25.07 -0.19 10.36
N TYR B 134 24.19 -0.68 11.23
CA TYR B 134 23.12 0.12 11.82
C TYR B 134 23.58 0.82 13.11
N ARG B 135 24.04 0.04 14.08
CA ARG B 135 24.52 0.59 15.33
C ARG B 135 25.73 1.49 15.12
N GLY B 136 26.63 1.13 14.21
CA GLY B 136 27.77 1.96 13.93
C GLY B 136 27.38 3.37 13.53
N ARG B 137 26.34 3.51 12.70
CA ARG B 137 25.88 4.83 12.29
C ARG B 137 25.27 5.59 13.47
N LEU B 138 24.50 4.93 14.33
CA LEU B 138 23.94 5.65 15.46
C LEU B 138 25.04 6.12 16.41
N THR B 139 26.07 5.29 16.62
CA THR B 139 27.21 5.70 17.43
C THR B 139 27.95 6.87 16.80
N GLU B 140 28.31 6.74 15.52
CA GLU B 140 29.15 7.74 14.88
C GLU B 140 28.41 9.05 14.66
N GLN B 141 27.14 8.98 14.24
CA GLN B 141 26.41 10.20 13.89
C GLN B 141 25.78 10.87 15.10
N PHE B 142 25.39 10.10 16.12
CA PHE B 142 24.56 10.63 17.19
C PHE B 142 25.05 10.30 18.59
N SER B 143 26.14 9.53 18.73
CA SER B 143 26.62 9.11 20.05
C SER B 143 25.55 8.37 20.82
N ILE B 144 24.75 7.58 20.10
CA ILE B 144 23.74 6.71 20.70
C ILE B 144 24.29 5.30 20.71
N ASN B 145 24.21 4.65 21.87
CA ASN B 145 24.66 3.28 22.06
C ASN B 145 23.45 2.37 22.19
N CYS B 146 23.53 1.20 21.57
CA CYS B 146 22.45 0.22 21.55
C CYS B 146 22.81 -0.98 22.39
N LEU B 147 21.89 -1.40 23.24
CA LEU B 147 21.92 -2.71 23.87
C LEU B 147 21.12 -3.66 23.02
N ILE B 148 21.55 -4.91 22.94
CA ILE B 148 20.84 -5.92 22.16
C ILE B 148 20.59 -7.13 23.05
N PRO B 149 19.64 -7.98 22.67
CA PRO B 149 19.35 -9.17 23.47
C PRO B 149 20.50 -10.17 23.45
N GLU B 150 20.41 -11.13 24.37
CA GLU B 150 21.35 -12.24 24.40
C GLU B 150 21.12 -13.16 23.21
N ALA B 151 22.15 -13.95 22.91
CA ALA B 151 22.17 -14.79 21.70
C ALA B 151 20.90 -15.60 21.52
N ASP B 152 20.44 -16.29 22.57
CA ASP B 152 19.24 -17.11 22.44
C ASP B 152 18.02 -16.25 22.13
N GLU B 153 17.94 -15.08 22.76
CA GLU B 153 16.82 -14.19 22.51
C GLU B 153 16.85 -13.63 21.10
N ARG B 154 18.05 -13.29 20.60
CA ARG B 154 18.17 -12.75 19.24
C ARG B 154 17.73 -13.78 18.22
N ALA B 155 18.13 -15.03 18.41
CA ALA B 155 17.66 -16.13 17.58
C ALA B 155 16.14 -16.14 17.48
N LYS B 156 15.47 -16.05 18.63
CA LYS B 156 14.02 -16.18 18.64
C LYS B 156 13.34 -14.94 18.09
N ILE B 157 13.85 -13.75 18.45
CA ILE B 157 13.31 -12.50 17.89
C ILE B 157 13.35 -12.53 16.37
N ASN B 158 14.48 -13.00 15.83
CA ASN B 158 14.66 -13.11 14.38
C ASN B 158 13.75 -14.16 13.78
N GLN B 159 13.62 -15.31 14.46
CA GLN B 159 12.74 -16.34 13.94
C GLN B 159 11.31 -15.83 13.82
N ILE B 160 10.86 -15.06 14.82
CA ILE B 160 9.51 -14.52 14.79
C ILE B 160 9.32 -13.59 13.60
N ILE B 161 10.35 -12.77 13.30
CA ILE B 161 10.23 -11.81 12.19
C ILE B 161 9.94 -12.54 10.89
N PHE B 162 10.77 -13.53 10.55
CA PHE B 162 10.73 -14.15 9.23
C PHE B 162 9.73 -15.29 9.11
N GLU B 163 9.44 -15.98 10.21
CA GLU B 163 8.51 -17.11 10.18
C GLU B 163 7.10 -16.72 10.61
N GLU B 164 6.93 -15.53 11.20
CA GLU B 164 5.61 -15.09 11.63
C GLU B 164 5.25 -13.71 11.08
N LEU B 165 5.98 -12.65 11.47
CA LEU B 165 5.55 -11.30 11.13
C LEU B 165 5.51 -11.07 9.63
N CYS B 166 6.51 -11.56 8.90
CA CYS B 166 6.56 -11.38 7.47
C CYS B 166 5.53 -12.22 6.73
N LEU B 167 4.84 -13.11 7.44
CA LEU B 167 3.74 -13.90 6.91
C LEU B 167 2.39 -13.45 7.47
N GLY B 168 2.36 -12.33 8.17
CA GLY B 168 1.10 -11.78 8.64
C GLY B 168 0.50 -12.45 9.84
N GLN B 169 1.26 -13.23 10.60
CA GLN B 169 0.73 -13.85 11.81
C GLN B 169 1.31 -13.14 13.02
N PHE B 170 0.44 -12.65 13.89
CA PHE B 170 0.82 -11.84 15.04
C PHE B 170 0.24 -12.51 16.28
N THR B 171 1.07 -13.35 16.91
CA THR B 171 0.59 -14.16 18.01
C THR B 171 0.86 -13.52 19.36
N GLU B 172 0.00 -13.84 20.34
CA GLU B 172 0.21 -13.37 21.70
C GLU B 172 1.47 -13.98 22.30
N ALA B 173 1.72 -15.26 22.02
CA ALA B 173 2.95 -15.90 22.50
C ALA B 173 4.17 -15.09 22.10
N SER B 174 4.24 -14.67 20.83
CA SER B 174 5.38 -13.90 20.37
C SER B 174 5.34 -12.47 20.88
N ARG B 175 4.15 -11.87 20.98
CA ARG B 175 4.02 -10.53 21.55
C ARG B 175 4.54 -10.52 22.98
N ALA B 176 4.15 -11.51 23.78
CA ALA B 176 4.62 -11.61 25.16
C ALA B 176 6.13 -11.80 25.22
N TYR B 177 6.68 -12.61 24.31
CA TYR B 177 8.13 -12.84 24.33
C TYR B 177 8.88 -11.55 24.04
N TYR B 178 8.42 -10.76 23.07
CA TYR B 178 9.06 -9.49 22.79
C TYR B 178 8.96 -8.56 23.99
N ALA B 179 7.80 -8.51 24.63
CA ALA B 179 7.63 -7.64 25.79
C ALA B 179 8.57 -8.02 26.91
N GLN B 180 8.81 -9.33 27.10
CA GLN B 180 9.72 -9.79 28.13
C GLN B 180 11.16 -9.40 27.82
N VAL B 181 11.56 -9.52 26.56
CA VAL B 181 12.92 -9.09 26.18
C VAL B 181 13.07 -7.60 26.42
N ILE B 182 12.02 -6.83 26.17
CA ILE B 182 12.10 -5.38 26.38
C ILE B 182 12.25 -5.06 27.85
N ALA B 183 11.48 -5.73 28.70
CA ALA B 183 11.61 -5.52 30.14
C ALA B 183 13.01 -5.91 30.61
N ARG B 184 13.55 -7.02 30.10
CA ARG B 184 14.88 -7.42 30.52
C ARG B 184 15.93 -6.39 30.10
N LEU B 185 15.80 -5.80 28.91
CA LEU B 185 16.76 -4.78 28.54
C LEU B 185 16.53 -3.49 29.33
N ALA B 186 15.31 -3.25 29.80
CA ALA B 186 15.05 -2.12 30.69
C ALA B 186 15.83 -2.27 31.99
N GLU B 187 15.83 -3.47 32.58
CA GLU B 187 16.61 -3.73 33.77
C GLU B 187 18.08 -3.39 33.57
N GLN B 188 18.54 -3.34 32.32
CA GLN B 188 19.94 -3.06 32.00
C GLN B 188 20.23 -1.58 31.78
N GLY B 189 19.26 -0.71 32.01
CA GLY B 189 19.46 0.71 31.83
C GLY B 189 19.09 1.24 30.46
N ALA B 190 18.42 0.45 29.63
CA ALA B 190 17.86 0.97 28.39
C ALA B 190 16.85 2.07 28.69
N GLN B 191 16.98 3.19 28.00
CA GLN B 191 16.10 4.33 28.18
C GLN B 191 14.92 4.33 27.22
N GLY B 192 15.04 3.63 26.10
CA GLY B 192 13.91 3.41 25.21
C GLY B 192 14.27 2.17 24.40
N VAL B 193 13.38 1.81 23.48
CA VAL B 193 13.60 0.64 22.64
C VAL B 193 13.38 1.03 21.19
N ILE B 194 14.32 0.68 20.33
CA ILE B 194 14.14 0.83 18.89
C ILE B 194 13.44 -0.40 18.35
N PHE B 195 12.26 -0.21 17.76
CA PHE B 195 11.66 -1.24 16.91
C PHE B 195 12.39 -1.16 15.57
N GLY B 196 13.54 -1.82 15.51
CA GLY B 196 14.46 -1.69 14.41
C GLY B 196 14.33 -2.75 13.34
N CYS B 197 13.16 -3.38 13.29
CA CYS B 197 12.66 -4.05 12.10
C CYS B 197 11.24 -3.53 11.89
N THR B 198 10.93 -3.15 10.65
CA THR B 198 9.72 -2.39 10.39
C THR B 198 8.44 -3.19 10.68
N GLU B 199 8.53 -4.53 10.81
CA GLU B 199 7.34 -5.30 11.14
C GLU B 199 7.04 -5.37 12.64
N ILE B 200 7.97 -4.94 13.51
CA ILE B 200 7.81 -5.23 14.94
C ILE B 200 6.60 -4.49 15.52
N GLY B 201 6.36 -3.26 15.09
CA GLY B 201 5.21 -2.51 15.57
C GLY B 201 3.87 -3.08 15.14
N LEU B 202 3.87 -3.94 14.12
CA LEU B 202 2.65 -4.67 13.79
C LEU B 202 2.31 -5.70 14.84
N LEU B 203 3.30 -6.16 15.59
CA LEU B 203 3.13 -7.16 16.64
C LEU B 203 2.98 -6.53 18.02
N VAL B 204 3.83 -5.57 18.37
CA VAL B 204 3.94 -5.10 19.75
C VAL B 204 3.32 -3.70 19.84
N PRO B 205 2.15 -3.56 20.46
CA PRO B 205 1.62 -2.22 20.74
C PRO B 205 2.54 -1.46 21.68
N GLU B 206 2.50 -0.14 21.61
CA GLU B 206 3.31 0.66 22.52
C GLU B 206 2.98 0.34 23.99
N GLU B 207 1.70 0.14 24.31
CA GLU B 207 1.29 -0.06 25.69
C GLU B 207 1.83 -1.36 26.26
N ARG B 208 2.43 -2.22 25.42
CA ARG B 208 3.12 -3.48 25.72
C ARG B 208 4.55 -3.28 26.20
N SER B 209 5.15 -2.19 25.75
CA SER B 209 6.55 -1.96 25.99
C SER B 209 6.66 -1.12 27.25
N VAL B 210 7.54 -1.60 28.13
CA VAL B 210 7.82 -0.99 29.40
C VAL B 210 8.75 0.20 29.19
N LEU B 211 9.34 0.29 27.98
CA LEU B 211 10.19 1.39 27.57
C LEU B 211 9.49 2.24 26.50
N PRO B 212 9.83 3.54 26.44
CA PRO B 212 9.36 4.37 25.33
C PRO B 212 9.85 3.80 24.01
N VAL B 213 8.96 3.81 23.00
CA VAL B 213 9.18 3.09 21.75
C VAL B 213 9.54 4.07 20.64
N PHE B 214 10.59 3.76 19.88
CA PHE B 214 10.93 4.41 18.62
C PHE B 214 10.59 3.42 17.52
N ASP B 215 9.47 3.67 16.85
CA ASP B 215 9.00 2.81 15.78
C ASP B 215 9.64 3.31 14.49
N THR B 216 10.62 2.56 13.96
CA THR B 216 11.40 3.06 12.84
C THR B 216 10.53 3.32 11.61
N ALA B 217 9.53 2.48 11.37
CA ALA B 217 8.70 2.68 10.17
C ALA B 217 7.92 3.98 10.27
N ALA B 218 7.30 4.25 11.42
CA ALA B 218 6.59 5.52 11.63
C ALA B 218 7.53 6.71 11.52
N ILE B 219 8.67 6.66 12.21
CA ILE B 219 9.60 7.79 12.21
C ILE B 219 10.07 8.07 10.79
N HIS B 220 10.34 7.00 10.02
CA HIS B 220 10.76 7.13 8.64
C HIS B 220 9.66 7.75 7.79
N ALA B 221 8.42 7.29 7.98
CA ALA B 221 7.32 7.87 7.20
C ALA B 221 7.18 9.35 7.49
N GLU B 222 7.31 9.75 8.77
CA GLU B 222 7.23 11.17 9.11
C GLU B 222 8.35 11.96 8.45
N ASP B 223 9.54 11.38 8.40
CA ASP B 223 10.68 11.98 7.69
C ASP B 223 10.37 12.16 6.21
N ALA B 224 9.72 11.17 5.60
CA ALA B 224 9.32 11.28 4.21
C ALA B 224 8.36 12.45 4.00
N VAL B 225 7.33 12.56 4.84
CA VAL B 225 6.38 13.66 4.72
C VAL B 225 7.09 15.01 4.81
N ALA B 226 8.03 15.15 5.76
CA ALA B 226 8.74 16.41 5.89
C ALA B 226 9.55 16.72 4.64
N PHE B 227 10.15 15.70 4.03
CA PHE B 227 10.89 15.90 2.79
C PHE B 227 9.97 16.31 1.64
N MET B 228 8.80 15.67 1.54
CA MET B 228 7.90 15.96 0.43
C MET B 228 7.34 17.38 0.52
N LEU B 229 7.22 17.93 1.73
CA LEU B 229 6.70 19.27 1.92
C LEU B 229 7.78 20.31 2.22
N SER B 230 9.06 19.92 2.23
CA SER B 230 10.19 20.78 2.55
C SER B 230 10.02 21.43 3.93
N LEU B 231 9.86 20.56 4.93
CA LEU B 231 9.39 20.97 6.26
C LEU B 231 10.48 21.03 7.31
N GLU B 232 11.05 19.89 7.67
CA GLU B 232 11.75 19.79 8.96
C GLU B 232 13.25 19.55 8.86
#